data_7LQ4
#
_entry.id   7LQ4
#
_cell.length_a   46.466
_cell.length_b   81.621
_cell.length_c   114.588
_cell.angle_alpha   90.000
_cell.angle_beta   90.000
_cell.angle_gamma   90.000
#
_symmetry.space_group_name_H-M   'P 21 21 21'
#
loop_
_entity.id
_entity.type
_entity.pdbx_description
1 polymer RsiG
2 polymer WhiG
3 non-polymer "9,9'-[(2R,3R,3aS,5S,7aR,9R,10R,10aS,12S,14aR)-3,5,10,12-tetrahydroxy-5,12-dioxidooctahydro-2H,7H-difuro[3,2-d:3',2'-j][1,3,7,9,2,8]tetraoxadiphosphacyclododecine-2,9-diyl]bis(2-amino-1,9-dihydro-6H-purin-6-one)"
4 water water
#
loop_
_entity_poly.entity_id
_entity_poly.type
_entity_poly.pdbx_seq_one_letter_code
_entity_poly.pdbx_strand_id
1 'polypeptide(L)'
;MGEETYEGTSGREGGRHEEEVETRAARESAEEVWGGTEDLTSLSVEELKGLLARFDEEEKRISYRRRVIQGRIDVIRAEI
VRRGGAVLSPEELARVLMGDVGDESEGGASGDRRGDGA
;
D,T
2 'polypeptide(L)'
;VRVSIERLWSQYFEARAKLGSLEPDEREAAETLEKRVRGLKDRLVVNYSPLVKYAAGRVTARSTGAVDQEEILSWGILGL
LDAVETFDAGKGAKFETYAISKIKWAILDELRRLD(UNK)(UNK)(UNK)(UNK)(UNK)(UNK)(UNK)(UNK)(UNK)
(UNK)(UNK)EAAEIEELRRNLVEAIKNLAERERLVTTFYFYEGLTLREIGKALGLTEGRISQILRQSLGKLRDSLSEPR
TS
;
A
#
loop_
_chem_comp.id
_chem_comp.type
_chem_comp.name
_chem_comp.formula
C2E non-polymer 9,9'-[(2R,3R,3aS,5S,7aR,9R,10R,10aS,12S,14aR)-3,5,10,12-tetrahydroxy-5,12-dioxidooctahydro-2H,7H-difuro[3,2-d:3',2'-j][1,3,7,9,2,8]tetraoxadiphosphacyclododecine-2,9-diyl]bis(2-amino-1,9-dihydro-6H-purin-6-one) 'C20 H24 N10 O14 P2'
#
# COMPACT_ATOMS: atom_id res chain seq x y z
N THR A 23 1.16 4.12 4.62
CA THR A 23 1.97 3.51 3.57
C THR A 23 3.28 4.28 3.41
N ARG A 24 3.50 5.25 4.28
CA ARG A 24 4.69 6.09 4.20
C ARG A 24 5.64 5.84 5.36
N ALA A 25 5.10 5.69 6.56
CA ALA A 25 5.90 5.48 7.76
C ALA A 25 6.73 4.20 7.67
N ALA A 26 6.19 3.20 6.97
CA ALA A 26 6.87 1.93 6.81
C ALA A 26 8.12 2.07 5.95
N ARG A 27 8.02 2.89 4.90
CA ARG A 27 9.12 3.09 3.97
C ARG A 27 10.27 3.86 4.62
N GLU A 28 9.94 4.70 5.59
CA GLU A 28 10.94 5.49 6.30
C GLU A 28 11.79 4.61 7.21
N SER A 29 11.13 3.78 8.00
CA SER A 29 11.81 2.88 8.92
C SER A 29 12.29 1.62 8.19
N ALA A 30 12.01 1.55 6.90
CA ALA A 30 12.44 0.41 6.08
C ALA A 30 13.86 0.61 5.57
N GLU A 31 14.72 1.14 6.43
CA GLU A 31 16.10 1.40 6.05
C GLU A 31 16.90 0.11 5.90
N GLU A 32 16.31 -1.00 6.35
CA GLU A 32 16.99 -2.29 6.31
C GLU A 32 16.44 -3.23 5.26
N VAL A 33 15.24 -2.94 4.76
CA VAL A 33 14.63 -3.78 3.72
C VAL A 33 15.33 -3.59 2.38
N TRP A 34 15.83 -2.38 2.14
CA TRP A 34 16.60 -2.10 0.94
C TRP A 34 18.02 -1.72 1.33
N GLY A 35 18.54 -2.36 2.38
CA GLY A 35 19.86 -2.05 2.88
C GLY A 35 20.99 -2.38 1.93
N GLY A 36 21.32 -3.65 1.83
CA GLY A 36 22.41 -4.07 0.98
C GLY A 36 21.94 -4.95 -0.16
N THR A 37 20.80 -4.59 -0.75
CA THR A 37 20.24 -5.34 -1.87
C THR A 37 21.14 -5.31 -3.09
N GLU A 38 20.99 -6.30 -3.97
CA GLU A 38 21.79 -6.39 -5.17
C GLU A 38 20.93 -6.59 -6.41
N ASP A 39 21.48 -6.21 -7.56
CA ASP A 39 20.79 -6.39 -8.84
C ASP A 39 20.55 -7.87 -9.10
N LEU A 40 19.29 -8.28 -9.07
CA LEU A 40 18.95 -9.69 -9.23
C LEU A 40 19.22 -10.19 -10.64
N THR A 41 19.37 -9.26 -11.58
CA THR A 41 19.66 -9.62 -12.97
C THR A 41 21.15 -9.78 -13.20
N SER A 42 21.94 -9.57 -12.15
CA SER A 42 23.39 -9.71 -12.24
C SER A 42 23.86 -10.99 -11.55
N LEU A 43 23.09 -11.42 -10.57
CA LEU A 43 23.41 -12.61 -9.79
C LEU A 43 23.48 -13.85 -10.69
N SER A 44 24.48 -14.68 -10.48
CA SER A 44 24.62 -15.91 -11.27
C SER A 44 23.59 -16.93 -10.84
N VAL A 45 23.25 -17.85 -11.74
CA VAL A 45 22.23 -18.85 -11.48
C VAL A 45 22.49 -19.64 -10.20
N GLU A 46 23.76 -19.91 -9.92
CA GLU A 46 24.13 -20.65 -8.72
C GLU A 46 23.81 -19.84 -7.47
N GLU A 47 24.10 -18.54 -7.54
CA GLU A 47 23.90 -17.66 -6.40
C GLU A 47 22.42 -17.38 -6.14
N LEU A 48 21.63 -17.33 -7.20
CA LEU A 48 20.20 -17.09 -7.08
C LEU A 48 19.54 -18.15 -6.20
N LYS A 49 19.96 -19.40 -6.39
CA LYS A 49 19.45 -20.50 -5.57
C LYS A 49 19.92 -20.35 -4.13
N GLY A 50 21.14 -19.82 -3.96
CA GLY A 50 21.69 -19.60 -2.64
C GLY A 50 21.04 -18.44 -1.92
N LEU A 51 20.48 -17.51 -2.68
CA LEU A 51 19.79 -16.37 -2.12
C LEU A 51 18.32 -16.70 -1.88
N LEU A 52 17.80 -17.61 -2.69
CA LEU A 52 16.42 -18.06 -2.54
C LEU A 52 16.24 -18.76 -1.20
N ALA A 53 17.29 -19.46 -0.76
CA ALA A 53 17.26 -20.17 0.50
C ALA A 53 17.18 -19.20 1.69
N ARG A 54 18.08 -18.22 1.69
CA ARG A 54 18.11 -17.23 2.76
C ARG A 54 16.81 -16.44 2.85
N PHE A 55 16.33 -15.95 1.72
CA PHE A 55 15.10 -15.16 1.67
C PHE A 55 13.86 -15.98 2.09
N ASP A 56 13.88 -17.27 1.79
CA ASP A 56 12.75 -18.13 2.12
C ASP A 56 12.59 -18.34 3.63
N GLU A 57 13.69 -18.16 4.36
CA GLU A 57 13.66 -18.40 5.80
C GLU A 57 13.17 -17.17 6.59
N GLU A 58 13.56 -15.99 6.15
CA GLU A 58 13.08 -14.76 6.78
C GLU A 58 11.62 -14.49 6.45
N GLU A 59 11.23 -14.83 5.23
CA GLU A 59 9.86 -14.64 4.79
C GLU A 59 8.88 -15.42 5.67
N LYS A 60 9.26 -16.65 6.00
CA LYS A 60 8.42 -17.51 6.83
C LYS A 60 8.48 -17.11 8.30
N ARG A 61 9.51 -16.35 8.68
CA ARG A 61 9.66 -15.91 10.06
C ARG A 61 8.98 -14.56 10.32
N ILE A 62 8.88 -13.75 9.28
CA ILE A 62 8.22 -12.45 9.38
C ILE A 62 6.72 -12.60 9.22
N SER A 63 6.30 -13.65 8.50
CA SER A 63 4.88 -13.90 8.28
C SER A 63 4.24 -14.52 9.52
N TYR A 64 5.06 -15.13 10.37
CA TYR A 64 4.58 -15.66 11.64
C TYR A 64 4.40 -14.54 12.65
N ARG A 65 5.45 -13.74 12.83
CA ARG A 65 5.38 -12.57 13.69
C ARG A 65 4.25 -11.65 13.24
N ARG A 66 4.05 -11.58 11.92
CA ARG A 66 2.96 -10.79 11.36
C ARG A 66 1.63 -11.36 11.83
N ARG A 67 1.53 -12.69 11.81
CA ARG A 67 0.29 -13.37 12.17
C ARG A 67 -0.06 -13.17 13.64
N VAL A 68 0.92 -13.40 14.52
CA VAL A 68 0.70 -13.27 15.95
C VAL A 68 0.41 -11.82 16.35
N ILE A 69 1.01 -10.88 15.63
CA ILE A 69 0.79 -9.46 15.89
C ILE A 69 -0.62 -9.03 15.49
N GLN A 70 -1.00 -9.31 14.25
CA GLN A 70 -2.32 -8.95 13.77
C GLN A 70 -3.40 -9.78 14.47
N GLY A 71 -2.97 -10.83 15.16
CA GLY A 71 -3.88 -11.62 15.98
C GLY A 71 -4.25 -10.85 17.23
N ARG A 72 -3.27 -10.16 17.81
CA ARG A 72 -3.50 -9.29 18.95
C ARG A 72 -4.45 -8.15 18.55
N ILE A 73 -4.11 -7.49 17.46
CA ILE A 73 -4.88 -6.34 16.97
C ILE A 73 -6.38 -6.64 16.86
N ASP A 74 -6.70 -7.79 16.29
CA ASP A 74 -8.11 -8.17 16.12
C ASP A 74 -8.78 -8.40 17.47
N VAL A 75 -8.03 -8.92 18.43
CA VAL A 75 -8.55 -9.17 19.77
C VAL A 75 -8.83 -7.88 20.52
N ILE A 76 -7.92 -6.92 20.39
CA ILE A 76 -8.05 -5.64 21.09
C ILE A 76 -9.07 -4.73 20.40
N ARG A 77 -9.15 -4.81 19.08
CA ARG A 77 -10.12 -4.03 18.33
C ARG A 77 -11.54 -4.50 18.62
N ALA A 78 -11.68 -5.80 18.87
CA ALA A 78 -12.98 -6.37 19.19
C ALA A 78 -13.45 -5.91 20.56
N GLU A 79 -12.53 -5.90 21.52
CA GLU A 79 -12.85 -5.49 22.88
C GLU A 79 -13.28 -4.02 22.93
N ILE A 80 -12.55 -3.17 22.20
CA ILE A 80 -12.89 -1.76 22.13
C ILE A 80 -14.30 -1.57 21.61
N VAL A 81 -14.55 -2.07 20.40
CA VAL A 81 -15.87 -1.99 19.79
C VAL A 81 -16.94 -2.54 20.72
N ARG A 82 -16.57 -3.56 21.50
CA ARG A 82 -17.51 -4.20 22.41
C ARG A 82 -18.00 -3.24 23.50
N ARG A 83 -17.07 -2.52 24.11
CA ARG A 83 -17.39 -1.62 25.21
C ARG A 83 -17.67 -0.19 24.74
N GLY A 84 -16.60 0.58 24.54
CA GLY A 84 -16.74 1.94 24.06
C GLY A 84 -16.85 1.98 22.54
N GLY A 85 -15.78 1.56 21.87
CA GLY A 85 -15.77 1.47 20.42
C GLY A 85 -15.19 2.70 19.75
N ALA A 86 -15.16 2.68 18.42
CA ALA A 86 -14.66 3.81 17.65
C ALA A 86 -15.69 4.92 17.60
N VAL A 87 -15.99 5.48 18.77
CA VAL A 87 -16.97 6.57 18.86
C VAL A 87 -16.46 7.84 18.19
N LEU A 88 -17.19 8.30 17.17
CA LEU A 88 -16.82 9.49 16.44
C LEU A 88 -18.06 10.31 16.14
N SER A 89 -18.30 11.35 16.93
CA SER A 89 -19.49 12.18 16.77
C SER A 89 -19.79 12.47 15.31
N PRO A 90 -21.05 12.31 14.91
CA PRO A 90 -21.50 12.54 13.53
C PRO A 90 -21.01 13.89 12.99
N GLU A 91 -20.73 14.83 13.88
CA GLU A 91 -20.21 16.13 13.49
C GLU A 91 -18.77 16.01 12.99
N GLU A 92 -17.88 15.50 13.84
CA GLU A 92 -16.49 15.30 13.49
C GLU A 92 -16.33 14.36 12.30
N LEU A 93 -17.15 13.32 12.28
CA LEU A 93 -17.11 12.33 11.19
C LEU A 93 -17.46 12.98 9.86
N ALA A 94 -18.38 13.93 9.89
CA ALA A 94 -18.79 14.65 8.68
C ALA A 94 -17.62 15.44 8.11
N ARG A 95 -16.89 16.12 8.98
CA ARG A 95 -15.74 16.91 8.58
C ARG A 95 -14.67 16.01 7.95
N VAL A 96 -14.54 14.79 8.48
CA VAL A 96 -13.60 13.82 7.94
C VAL A 96 -13.97 13.42 6.52
N LEU A 97 -15.27 13.21 6.29
CA LEU A 97 -15.77 12.84 4.97
C LEU A 97 -15.85 14.02 4.02
N MET A 98 -15.97 15.23 4.58
CA MET A 98 -16.21 16.41 3.77
C MET A 98 -14.94 17.05 3.24
N GLY A 99 -13.95 17.25 4.12
CA GLY A 99 -12.69 17.84 3.71
C GLY A 99 -11.63 17.81 4.79
N GLU B 28 7.30 -0.43 23.00
CA GLU B 28 8.17 -1.12 23.94
C GLU B 28 7.39 -1.63 25.15
N SER B 29 6.72 -0.70 25.84
CA SER B 29 5.94 -1.06 27.02
C SER B 29 4.72 -1.87 26.62
N ALA B 30 4.41 -1.88 25.34
CA ALA B 30 3.26 -2.62 24.82
C ALA B 30 3.48 -4.13 24.90
N GLU B 31 4.67 -4.56 24.50
CA GLU B 31 5.01 -5.98 24.49
C GLU B 31 4.85 -6.65 25.85
N GLU B 32 5.16 -5.91 26.91
CA GLU B 32 5.18 -6.48 28.24
C GLU B 32 3.84 -6.36 28.98
N VAL B 33 3.19 -5.21 28.85
CA VAL B 33 1.90 -5.01 29.50
C VAL B 33 0.87 -5.99 28.97
N TRP B 34 1.01 -6.35 27.70
CA TRP B 34 0.09 -7.28 27.06
C TRP B 34 0.35 -8.72 27.50
N GLY B 35 1.48 -8.93 28.16
CA GLY B 35 1.86 -10.26 28.61
C GLY B 35 1.47 -10.50 30.06
N GLY B 36 1.33 -9.43 30.83
CA GLY B 36 0.94 -9.52 32.22
C GLY B 36 -0.49 -9.07 32.51
N THR B 37 -1.11 -8.42 31.52
CA THR B 37 -2.47 -7.88 31.65
C THR B 37 -3.49 -8.99 31.74
N GLU B 38 -3.10 -10.18 31.28
CA GLU B 38 -3.89 -11.41 31.39
C GLU B 38 -5.26 -11.40 30.71
N ASP B 39 -6.20 -10.57 31.14
CA ASP B 39 -7.45 -10.40 30.38
C ASP B 39 -7.80 -8.93 30.22
N LEU B 40 -8.57 -8.62 29.19
CA LEU B 40 -8.65 -7.25 28.68
C LEU B 40 -9.51 -6.27 29.46
N THR B 41 -10.46 -6.77 30.23
CA THR B 41 -11.34 -5.89 31.01
C THR B 41 -10.57 -5.14 32.10
N SER B 42 -9.41 -5.69 32.47
CA SER B 42 -8.56 -5.07 33.47
C SER B 42 -8.00 -3.75 32.95
N LEU B 43 -8.06 -3.56 31.64
CA LEU B 43 -7.57 -2.34 31.01
C LEU B 43 -8.71 -1.36 30.76
N SER B 44 -8.36 -0.12 30.46
CA SER B 44 -9.35 0.89 30.09
C SER B 44 -9.27 1.15 28.59
N VAL B 45 -10.32 1.72 28.03
CA VAL B 45 -10.39 1.98 26.59
C VAL B 45 -9.22 2.84 26.12
N GLU B 46 -8.93 3.91 26.84
CA GLU B 46 -7.82 4.80 26.47
C GLU B 46 -6.46 4.14 26.65
N GLU B 47 -6.46 2.94 27.22
CA GLU B 47 -5.22 2.15 27.32
C GLU B 47 -5.15 1.19 26.13
N LEU B 48 -6.31 0.68 25.72
CA LEU B 48 -6.39 -0.20 24.56
C LEU B 48 -6.04 0.57 23.28
N LYS B 49 -6.46 1.83 23.23
CA LYS B 49 -6.14 2.70 22.11
C LYS B 49 -4.62 2.83 21.96
N GLY B 50 -3.93 2.74 23.10
CA GLY B 50 -2.48 2.81 23.10
C GLY B 50 -1.82 1.53 22.61
N LEU B 51 -2.27 0.41 23.15
CA LEU B 51 -1.77 -0.90 22.73
C LEU B 51 -2.05 -1.14 21.25
N LEU B 52 -3.20 -0.65 20.78
CA LEU B 52 -3.59 -0.82 19.39
C LEU B 52 -2.66 -0.03 18.48
N ALA B 53 -2.41 1.23 18.85
CA ALA B 53 -1.56 2.11 18.04
C ALA B 53 -0.16 1.55 17.84
N ARG B 54 0.51 1.21 18.94
CA ARG B 54 1.88 0.71 18.87
C ARG B 54 1.99 -0.72 18.33
N PHE B 55 0.84 -1.36 18.11
CA PHE B 55 0.83 -2.69 17.52
C PHE B 55 0.42 -2.65 16.05
N ASP B 56 -0.16 -1.52 15.64
CA ASP B 56 -0.67 -1.39 14.28
C ASP B 56 0.45 -1.13 13.26
N GLU B 57 1.25 -0.10 13.52
CA GLU B 57 2.34 0.25 12.61
C GLU B 57 3.40 -0.84 12.59
N GLU B 58 3.58 -1.51 13.71
CA GLU B 58 4.50 -2.65 13.77
C GLU B 58 4.00 -3.75 12.86
N GLU B 59 2.71 -3.69 12.52
CA GLU B 59 2.10 -4.64 11.61
C GLU B 59 2.12 -4.11 10.19
N LYS B 60 2.06 -2.79 10.05
CA LYS B 60 2.10 -2.14 8.74
C LYS B 60 3.44 -2.35 8.06
N ARG B 61 4.51 -2.20 8.83
CA ARG B 61 5.86 -2.30 8.29
C ARG B 61 6.36 -3.75 8.20
N ILE B 62 5.83 -4.61 9.06
CA ILE B 62 6.18 -6.02 9.01
C ILE B 62 5.49 -6.69 7.82
N SER B 63 4.32 -6.17 7.46
CA SER B 63 3.58 -6.65 6.31
C SER B 63 4.18 -6.09 5.03
N TYR B 64 4.62 -4.83 5.10
CA TYR B 64 5.31 -4.21 3.98
C TYR B 64 6.61 -4.96 3.69
N ARG B 65 7.43 -5.11 4.72
CA ARG B 65 8.67 -5.86 4.63
C ARG B 65 8.39 -7.28 4.13
N ARG B 66 7.22 -7.80 4.48
CA ARG B 66 6.82 -9.14 4.05
C ARG B 66 6.57 -9.17 2.55
N ARG B 67 5.67 -8.33 2.08
CA ARG B 67 5.30 -8.29 0.67
C ARG B 67 6.48 -7.97 -0.23
N VAL B 68 7.39 -7.13 0.25
CA VAL B 68 8.57 -6.75 -0.52
C VAL B 68 9.46 -7.94 -0.79
N ILE B 69 9.92 -8.59 0.28
CA ILE B 69 10.80 -9.76 0.15
C ILE B 69 10.08 -10.92 -0.52
N GLN B 70 8.76 -11.00 -0.32
CA GLN B 70 7.95 -12.01 -1.00
C GLN B 70 7.98 -11.78 -2.51
N GLY B 71 7.94 -10.51 -2.91
CA GLY B 71 8.00 -10.15 -4.31
C GLY B 71 9.39 -10.36 -4.89
N ARG B 72 10.40 -10.13 -4.06
CA ARG B 72 11.79 -10.30 -4.48
C ARG B 72 12.14 -11.78 -4.62
N ILE B 73 11.32 -12.64 -4.01
CA ILE B 73 11.51 -14.08 -4.14
C ILE B 73 10.93 -14.58 -5.46
N ASP B 74 9.82 -13.98 -5.87
CA ASP B 74 9.15 -14.36 -7.11
C ASP B 74 9.98 -13.98 -8.33
N VAL B 75 10.80 -12.95 -8.19
CA VAL B 75 11.67 -12.51 -9.27
C VAL B 75 13.00 -13.27 -9.25
N ILE B 76 13.38 -13.76 -8.07
CA ILE B 76 14.57 -14.59 -7.94
C ILE B 76 14.30 -15.98 -8.49
N ARG B 77 13.09 -16.48 -8.25
CA ARG B 77 12.70 -17.79 -8.77
C ARG B 77 12.44 -17.71 -10.27
N ALA B 78 11.84 -16.60 -10.70
CA ALA B 78 11.60 -16.39 -12.12
C ALA B 78 12.94 -16.28 -12.85
N GLU B 79 13.91 -15.64 -12.20
CA GLU B 79 15.22 -15.46 -12.79
C GLU B 79 15.91 -16.80 -13.03
N ILE B 80 15.70 -17.74 -12.10
CA ILE B 80 16.29 -19.07 -12.20
C ILE B 80 15.92 -19.81 -13.48
N VAL B 81 14.68 -19.63 -13.92
CA VAL B 81 14.17 -20.36 -15.08
C VAL B 81 14.45 -19.63 -16.38
N ARG B 82 14.74 -18.33 -16.30
CA ARG B 82 15.13 -17.58 -17.48
C ARG B 82 16.64 -17.68 -17.70
N ARG B 83 17.30 -18.48 -16.88
CA ARG B 83 18.71 -18.86 -17.06
C ARG B 83 19.73 -17.75 -17.33
N GLY B 84 19.94 -16.90 -16.33
CA GLY B 84 21.03 -15.92 -16.39
C GLY B 84 20.69 -14.50 -15.98
N GLY B 85 21.03 -13.56 -16.85
CA GLY B 85 20.68 -12.17 -16.67
C GLY B 85 19.39 -11.83 -17.40
N ALA B 86 18.27 -12.28 -16.87
CA ALA B 86 16.96 -12.02 -17.47
C ALA B 86 16.46 -10.62 -17.18
N VAL B 87 16.59 -9.72 -18.15
CA VAL B 87 15.92 -8.44 -18.08
C VAL B 87 14.46 -8.70 -18.40
N LEU B 88 13.57 -8.18 -17.57
CA LEU B 88 12.15 -8.49 -17.72
C LEU B 88 11.36 -7.28 -18.19
N SER B 89 10.74 -7.42 -19.36
CA SER B 89 9.88 -6.38 -19.89
C SER B 89 8.73 -6.14 -18.91
N PRO B 90 8.24 -4.89 -18.83
CA PRO B 90 7.09 -4.56 -18.00
C PRO B 90 5.94 -5.53 -18.23
N GLU B 91 5.93 -6.18 -19.39
CA GLU B 91 4.92 -7.16 -19.73
C GLU B 91 5.03 -8.38 -18.81
N GLU B 92 6.23 -8.93 -18.70
CA GLU B 92 6.46 -10.17 -17.96
C GLU B 92 6.49 -9.97 -16.45
N LEU B 93 6.77 -8.74 -16.01
CA LEU B 93 6.83 -8.45 -14.59
C LEU B 93 5.47 -8.61 -13.91
N ALA B 94 4.41 -8.28 -14.63
CA ALA B 94 3.05 -8.43 -14.12
C ALA B 94 2.76 -9.89 -13.80
N ARG B 95 3.07 -10.77 -14.74
CA ARG B 95 2.86 -12.20 -14.57
C ARG B 95 3.61 -12.72 -13.36
N VAL B 96 4.89 -12.34 -13.26
CA VAL B 96 5.75 -12.82 -12.19
C VAL B 96 5.29 -12.37 -10.81
N LEU B 97 4.80 -11.13 -10.72
CA LEU B 97 4.38 -10.57 -9.45
C LEU B 97 3.07 -11.15 -8.93
N MET B 98 2.23 -11.65 -9.84
CA MET B 98 1.00 -12.30 -9.44
C MET B 98 1.30 -13.60 -8.72
N GLY B 99 2.31 -14.32 -9.21
CA GLY B 99 2.71 -15.59 -8.62
C GLY B 99 3.28 -16.55 -9.64
N ASP B 100 2.99 -16.29 -10.91
CA ASP B 100 3.47 -17.16 -11.99
C ASP B 100 4.84 -16.72 -12.50
N VAL B 101 5.89 -17.22 -11.84
CA VAL B 101 7.25 -16.89 -12.23
C VAL B 101 7.80 -17.86 -13.26
N ARG C 2 26.91 -10.27 -7.92
CA ARG C 2 27.78 -9.43 -8.73
C ARG C 2 27.57 -7.95 -8.43
N VAL C 3 26.73 -7.31 -9.24
CA VAL C 3 26.49 -5.87 -9.11
C VAL C 3 25.49 -5.55 -8.00
N SER C 4 25.80 -4.53 -7.22
CA SER C 4 24.89 -4.06 -6.17
C SER C 4 23.95 -3.01 -6.74
N ILE C 5 22.88 -2.72 -6.02
CA ILE C 5 21.87 -1.78 -6.51
C ILE C 5 22.31 -0.32 -6.35
N GLU C 6 23.04 -0.03 -5.29
CA GLU C 6 23.58 1.32 -5.10
C GLU C 6 24.63 1.59 -6.18
N ARG C 7 25.31 0.54 -6.60
CA ARG C 7 26.27 0.61 -7.70
C ARG C 7 25.50 0.89 -8.98
N LEU C 8 24.37 0.20 -9.13
CA LEU C 8 23.52 0.35 -10.30
C LEU C 8 22.87 1.74 -10.34
N TRP C 9 22.64 2.32 -9.16
CA TRP C 9 22.07 3.65 -9.06
C TRP C 9 23.06 4.72 -9.52
N SER C 10 24.31 4.60 -9.06
CA SER C 10 25.35 5.54 -9.44
C SER C 10 25.64 5.46 -10.94
N GLN C 11 25.69 4.24 -11.46
CA GLN C 11 25.91 4.01 -12.88
C GLN C 11 24.78 4.61 -13.70
N TYR C 12 23.59 4.68 -13.09
CA TYR C 12 22.43 5.25 -13.75
C TYR C 12 22.41 6.77 -13.65
N PHE C 13 22.74 7.29 -12.48
CA PHE C 13 22.74 8.73 -12.24
C PHE C 13 23.78 9.46 -13.09
N GLU C 14 24.92 8.82 -13.29
CA GLU C 14 26.00 9.40 -14.09
C GLU C 14 25.62 9.48 -15.57
N ALA C 15 25.02 8.40 -16.07
CA ALA C 15 24.66 8.30 -17.48
C ALA C 15 23.47 9.20 -17.83
N ARG C 16 22.46 9.21 -16.96
CA ARG C 16 21.25 9.98 -17.21
C ARG C 16 21.53 11.48 -17.12
N ALA C 17 22.51 11.85 -16.31
CA ALA C 17 22.90 13.24 -16.18
C ALA C 17 23.61 13.73 -17.43
N LYS C 18 24.53 12.92 -17.94
CA LYS C 18 25.27 13.25 -19.15
C LYS C 18 24.33 13.44 -20.34
N LEU C 19 23.49 12.43 -20.58
CA LEU C 19 22.58 12.46 -21.73
C LEU C 19 21.85 13.80 -21.86
N GLY C 20 21.55 14.40 -20.72
CA GLY C 20 20.87 15.69 -20.70
C GLY C 20 21.79 16.85 -21.02
N SER C 21 23.05 16.74 -20.62
CA SER C 21 24.03 17.79 -20.85
C SER C 21 24.44 17.85 -22.33
N LEU C 22 24.24 16.73 -23.03
CA LEU C 22 24.54 16.65 -24.44
C LEU C 22 23.90 17.79 -25.21
N GLU C 23 24.68 18.42 -26.09
CA GLU C 23 24.15 19.48 -26.95
C GLU C 23 23.29 18.87 -28.06
N PRO C 24 22.37 19.68 -28.62
CA PRO C 24 21.42 19.20 -29.62
C PRO C 24 22.07 18.49 -30.81
N ASP C 25 23.21 19.00 -31.26
CA ASP C 25 23.88 18.45 -32.43
C ASP C 25 24.68 17.18 -32.17
N GLU C 26 23.99 16.12 -31.77
CA GLU C 26 24.62 14.83 -31.54
C GLU C 26 23.62 13.69 -31.71
N ARG C 27 23.17 13.50 -32.94
CA ARG C 27 22.10 12.56 -33.24
C ARG C 27 22.45 11.13 -32.85
N GLU C 28 23.65 10.69 -33.20
CA GLU C 28 24.06 9.31 -32.95
C GLU C 28 24.66 9.14 -31.55
N ALA C 29 25.25 10.20 -31.02
CA ALA C 29 25.78 10.16 -29.66
C ALA C 29 24.62 10.13 -28.67
N ALA C 30 23.41 10.35 -29.17
CA ALA C 30 22.21 10.26 -28.36
C ALA C 30 21.78 8.81 -28.18
N GLU C 31 21.80 8.05 -29.27
CA GLU C 31 21.44 6.63 -29.21
C GLU C 31 22.37 5.86 -28.28
N THR C 32 23.68 6.09 -28.45
CA THR C 32 24.69 5.34 -27.71
C THR C 32 24.45 5.36 -26.20
N LEU C 33 24.08 6.51 -25.67
CA LEU C 33 23.99 6.69 -24.23
C LEU C 33 22.58 6.54 -23.68
N GLU C 34 21.59 6.73 -24.54
CA GLU C 34 20.19 6.57 -24.15
C GLU C 34 19.82 5.08 -24.03
N LYS C 35 20.52 4.24 -24.79
CA LYS C 35 20.31 2.81 -24.71
C LYS C 35 20.92 2.23 -23.43
N ARG C 36 21.69 3.05 -22.74
CA ARG C 36 22.29 2.64 -21.48
C ARG C 36 21.44 3.06 -20.29
N VAL C 37 20.81 4.23 -20.40
CA VAL C 37 19.94 4.73 -19.34
C VAL C 37 18.67 3.89 -19.26
N ARG C 38 18.21 3.36 -20.39
CA ARG C 38 17.08 2.46 -20.41
C ARG C 38 17.50 1.06 -19.99
N GLY C 39 18.67 0.63 -20.45
CA GLY C 39 19.22 -0.65 -20.08
C GLY C 39 19.43 -0.73 -18.58
N LEU C 40 19.73 0.42 -17.97
CA LEU C 40 19.94 0.48 -16.53
C LEU C 40 18.63 0.61 -15.77
N LYS C 41 17.74 1.48 -16.25
CA LYS C 41 16.46 1.69 -15.59
C LYS C 41 15.59 0.44 -15.67
N ASP C 42 15.76 -0.34 -16.74
CA ASP C 42 15.04 -1.59 -16.88
C ASP C 42 15.49 -2.59 -15.82
N ARG C 43 16.71 -2.39 -15.33
CA ARG C 43 17.24 -3.21 -14.24
C ARG C 43 16.82 -2.60 -12.90
N LEU C 44 16.49 -1.31 -12.93
CA LEU C 44 16.01 -0.62 -11.75
C LEU C 44 14.58 -1.04 -11.41
N VAL C 45 13.71 -1.05 -12.43
CA VAL C 45 12.31 -1.38 -12.24
C VAL C 45 12.08 -2.86 -12.00
N VAL C 46 12.95 -3.70 -12.56
CA VAL C 46 12.86 -5.14 -12.37
C VAL C 46 13.15 -5.50 -10.91
N ASN C 47 14.03 -4.75 -10.28
CA ASN C 47 14.36 -4.97 -8.88
C ASN C 47 13.41 -4.26 -7.93
N TYR C 48 12.81 -3.17 -8.40
CA TYR C 48 11.86 -2.41 -7.59
C TYR C 48 10.41 -2.74 -7.93
N SER C 49 10.22 -3.84 -8.65
CA SER C 49 8.87 -4.30 -8.98
C SER C 49 8.07 -4.74 -7.75
N PRO C 50 8.73 -5.32 -6.74
CA PRO C 50 8.03 -5.69 -5.52
C PRO C 50 7.28 -4.52 -4.89
N LEU C 51 7.73 -3.30 -5.16
CA LEU C 51 7.07 -2.11 -4.63
C LEU C 51 5.66 -1.95 -5.19
N VAL C 52 5.46 -2.43 -6.42
CA VAL C 52 4.16 -2.29 -7.07
C VAL C 52 3.18 -3.38 -6.67
N LYS C 53 3.71 -4.53 -6.22
CA LYS C 53 2.84 -5.61 -5.78
C LYS C 53 2.37 -5.36 -4.35
N TYR C 54 3.12 -4.55 -3.62
CA TYR C 54 2.72 -4.12 -2.28
C TYR C 54 1.72 -2.97 -2.38
N ALA C 55 2.01 -2.02 -3.27
CA ALA C 55 1.14 -0.87 -3.47
C ALA C 55 -0.18 -1.30 -4.10
N ALA C 56 -0.15 -2.36 -4.89
CA ALA C 56 -1.35 -2.89 -5.52
C ALA C 56 -2.14 -3.74 -4.54
N GLY C 57 -1.45 -4.36 -3.60
CA GLY C 57 -2.09 -5.21 -2.61
C GLY C 57 -2.98 -4.44 -1.66
N ARG C 58 -2.60 -3.20 -1.35
CA ARG C 58 -3.37 -2.40 -0.40
C ARG C 58 -4.49 -1.60 -1.06
N VAL C 59 -4.30 -1.20 -2.31
CA VAL C 59 -5.33 -0.46 -3.02
C VAL C 59 -6.54 -1.35 -3.30
N THR C 60 -6.27 -2.63 -3.53
CA THR C 60 -7.34 -3.60 -3.73
C THR C 60 -8.01 -3.92 -2.40
N ALA C 61 -7.23 -3.86 -1.33
CA ALA C 61 -7.73 -4.12 0.01
C ALA C 61 -8.73 -3.04 0.42
N ARG C 62 -8.57 -1.84 -0.14
CA ARG C 62 -9.47 -0.74 0.16
C ARG C 62 -10.45 -0.50 -0.98
N SER C 63 -10.86 -1.59 -1.62
CA SER C 63 -11.84 -1.52 -2.71
C SER C 63 -13.19 -2.05 -2.23
N THR C 64 -14.03 -2.44 -3.19
CA THR C 64 -15.32 -3.04 -2.88
C THR C 64 -15.60 -4.19 -3.84
N GLY C 65 -15.19 -4.01 -5.09
CA GLY C 65 -15.37 -5.03 -6.12
C GLY C 65 -14.53 -4.71 -7.34
N ALA C 66 -14.71 -5.52 -8.40
CA ALA C 66 -13.97 -5.33 -9.64
C ALA C 66 -12.46 -5.31 -9.40
N VAL C 67 -11.90 -6.48 -9.13
CA VAL C 67 -10.47 -6.60 -8.88
C VAL C 67 -9.75 -7.35 -9.99
N ASP C 68 -8.95 -6.63 -10.76
CA ASP C 68 -8.15 -7.23 -11.82
C ASP C 68 -6.67 -7.01 -11.55
N GLN C 69 -5.99 -8.08 -11.15
CA GLN C 69 -4.59 -7.99 -10.72
C GLN C 69 -3.64 -7.51 -11.82
N GLU C 70 -3.84 -7.99 -13.04
CA GLU C 70 -2.93 -7.64 -14.14
C GLU C 70 -2.95 -6.16 -14.52
N GLU C 71 -4.14 -5.61 -14.72
CA GLU C 71 -4.25 -4.22 -15.15
C GLU C 71 -3.77 -3.23 -14.09
N ILE C 72 -4.09 -3.51 -12.82
CA ILE C 72 -3.65 -2.65 -11.73
C ILE C 72 -2.13 -2.70 -11.58
N LEU C 73 -1.56 -3.88 -11.82
CA LEU C 73 -0.12 -4.06 -11.78
C LEU C 73 0.53 -3.42 -13.02
N SER C 74 -0.12 -3.62 -14.16
CA SER C 74 0.37 -3.05 -15.41
C SER C 74 0.40 -1.53 -15.33
N TRP C 75 -0.51 -0.96 -14.55
CA TRP C 75 -0.56 0.49 -14.34
C TRP C 75 0.43 0.88 -13.25
N GLY C 76 0.64 -0.01 -12.29
CA GLY C 76 1.55 0.25 -11.20
C GLY C 76 3.01 0.19 -11.61
N ILE C 77 3.30 -0.65 -12.60
CA ILE C 77 4.67 -0.81 -13.09
C ILE C 77 5.13 0.41 -13.88
N LEU C 78 4.25 0.94 -14.73
CA LEU C 78 4.58 2.15 -15.47
C LEU C 78 4.61 3.36 -14.54
N GLY C 79 3.97 3.22 -13.38
CA GLY C 79 4.08 4.22 -12.33
C GLY C 79 5.45 4.12 -11.70
N LEU C 80 5.98 2.91 -11.65
CA LEU C 80 7.33 2.67 -11.18
C LEU C 80 8.32 3.09 -12.25
N LEU C 81 7.88 3.01 -13.51
CA LEU C 81 8.73 3.34 -14.65
C LEU C 81 9.07 4.83 -14.69
N ASP C 82 8.03 5.66 -14.68
CA ASP C 82 8.24 7.11 -14.71
C ASP C 82 8.72 7.61 -13.36
N ALA C 83 8.78 6.71 -12.38
CA ALA C 83 9.25 7.06 -11.04
C ALA C 83 10.77 7.07 -10.98
N VAL C 84 11.40 6.10 -11.65
CA VAL C 84 12.85 5.97 -11.64
C VAL C 84 13.51 7.01 -12.53
N GLU C 85 12.85 7.38 -13.61
CA GLU C 85 13.40 8.33 -14.57
C GLU C 85 13.18 9.78 -14.14
N THR C 86 12.03 10.04 -13.52
CA THR C 86 11.70 11.39 -13.06
C THR C 86 12.11 11.56 -11.60
N PHE C 87 13.05 10.72 -11.14
CA PHE C 87 13.48 10.75 -9.76
C PHE C 87 14.63 11.72 -9.54
N ASP C 88 14.55 12.49 -8.46
CA ASP C 88 15.61 13.43 -8.10
C ASP C 88 16.28 13.02 -6.79
N ALA C 89 17.57 12.73 -6.86
CA ALA C 89 18.32 12.30 -5.68
C ALA C 89 18.52 13.44 -4.69
N ALA C 93 14.23 13.41 -1.09
CA ALA C 93 14.30 12.37 -0.07
C ALA C 93 14.45 10.97 -0.69
N LYS C 94 13.92 9.96 -0.03
CA LYS C 94 14.10 8.57 -0.46
C LYS C 94 13.29 8.19 -1.71
N PHE C 95 13.70 7.09 -2.34
CA PHE C 95 13.08 6.62 -3.58
C PHE C 95 11.81 5.80 -3.34
N GLU C 96 11.87 4.90 -2.38
CA GLU C 96 10.73 4.04 -2.06
C GLU C 96 9.49 4.87 -1.71
N THR C 97 9.67 5.86 -0.83
CA THR C 97 8.58 6.73 -0.41
C THR C 97 8.14 7.64 -1.56
N TYR C 98 8.96 7.69 -2.60
CA TYR C 98 8.64 8.50 -3.77
C TYR C 98 8.05 7.63 -4.89
N ALA C 99 8.42 6.36 -4.88
CA ALA C 99 7.97 5.42 -5.90
C ALA C 99 6.56 4.92 -5.62
N ILE C 100 6.30 4.54 -4.38
CA ILE C 100 5.00 4.00 -4.00
C ILE C 100 3.88 5.01 -4.27
N SER C 101 4.19 6.29 -4.18
CA SER C 101 3.22 7.35 -4.46
C SER C 101 2.91 7.39 -5.95
N LYS C 102 3.94 7.17 -6.76
CA LYS C 102 3.77 7.09 -8.21
C LYS C 102 3.05 5.81 -8.61
N ILE C 103 3.41 4.71 -7.95
CA ILE C 103 2.80 3.41 -8.21
C ILE C 103 1.33 3.41 -7.81
N LYS C 104 1.04 3.91 -6.61
CA LYS C 104 -0.31 4.00 -6.11
C LYS C 104 -1.20 4.84 -7.02
N TRP C 105 -0.77 6.08 -7.26
CA TRP C 105 -1.58 7.03 -8.03
C TRP C 105 -1.76 6.59 -9.48
N ALA C 106 -0.75 5.91 -10.01
CA ALA C 106 -0.82 5.38 -11.37
C ALA C 106 -1.98 4.39 -11.50
N ILE C 107 -2.40 3.86 -10.37
CA ILE C 107 -3.53 2.94 -10.31
C ILE C 107 -4.82 3.69 -10.01
N LEU C 108 -4.73 4.67 -9.12
CA LEU C 108 -5.89 5.46 -8.71
C LEU C 108 -6.51 6.21 -9.89
N ASP C 109 -5.66 6.76 -10.75
CA ASP C 109 -6.12 7.51 -11.92
C ASP C 109 -6.89 6.63 -12.89
N GLU C 110 -6.30 5.50 -13.24
CA GLU C 110 -6.88 4.60 -14.24
C GLU C 110 -8.06 3.78 -13.69
N LEU C 111 -8.20 3.75 -12.37
CA LEU C 111 -9.19 2.89 -11.74
C LEU C 111 -10.52 3.59 -11.48
N ARG C 112 -10.47 4.89 -11.22
CA ARG C 112 -11.67 5.65 -10.90
C ARG C 112 -12.38 6.16 -12.15
N ARG C 113 -11.87 5.75 -13.32
CA ARG C 113 -12.44 6.18 -14.59
C ARG C 113 -13.26 5.06 -15.24
N LEU C 114 -13.47 3.98 -14.50
CA LEU C 114 -14.20 2.83 -15.02
C LEU C 114 -15.13 2.24 -13.97
N ASP C 115 -15.00 2.71 -12.74
CA ASP C 115 -15.80 2.20 -11.64
C ASP C 115 -17.29 2.23 -11.94
N UNK C 116 -14.09 3.83 -3.67
CA UNK C 116 -15.35 4.36 -3.18
C UNK C 116 -15.13 5.54 -2.24
N UNK C 117 -13.88 5.71 -1.79
CA UNK C 117 -13.53 6.78 -0.87
C UNK C 117 -13.70 8.14 -1.53
N UNK C 118 -12.88 8.41 -2.54
CA UNK C 118 -12.92 9.68 -3.26
C UNK C 118 -14.23 9.87 -4.01
N UNK C 119 -14.94 8.77 -4.23
CA UNK C 119 -16.22 8.81 -4.93
C UNK C 119 -17.24 9.62 -4.16
N UNK C 120 -17.24 9.47 -2.83
CA UNK C 120 -18.15 10.21 -1.97
C UNK C 120 -17.68 11.64 -1.78
N UNK C 121 -16.37 11.83 -1.71
CA UNK C 121 -15.78 13.15 -1.53
C UNK C 121 -16.00 14.01 -2.78
N UNK C 122 -15.97 13.37 -3.94
CA UNK C 122 -16.17 14.08 -5.20
C UNK C 122 -17.65 14.41 -5.40
N UNK C 123 -18.51 13.62 -4.78
CA UNK C 123 -19.96 13.83 -4.87
C UNK C 123 -20.37 15.04 -4.04
N UNK C 124 -19.72 15.21 -2.89
CA UNK C 124 -19.99 16.34 -2.00
C UNK C 124 -19.47 17.64 -2.60
N UNK C 125 -18.42 17.52 -3.41
CA UNK C 125 -17.83 18.69 -4.07
C UNK C 125 -18.70 19.15 -5.23
N UNK C 126 -19.16 18.20 -6.03
CA UNK C 126 -20.02 18.51 -7.18
C UNK C 126 -21.41 18.93 -6.73
N GLU C 127 -19.74 31.18 -0.79
CA GLU C 127 -19.75 29.71 -0.79
C GLU C 127 -19.39 29.14 0.58
N ALA C 128 -18.51 29.84 1.29
CA ALA C 128 -18.04 29.39 2.60
C ALA C 128 -19.19 29.14 3.56
N ALA C 129 -20.23 29.98 3.47
CA ALA C 129 -21.39 29.87 4.36
C ALA C 129 -22.39 28.87 3.82
N GLU C 130 -22.29 28.54 2.53
CA GLU C 130 -23.23 27.64 1.89
C GLU C 130 -22.71 26.21 1.84
N ILE C 131 -21.41 26.04 2.06
CA ILE C 131 -20.80 24.72 2.02
C ILE C 131 -20.88 24.04 3.39
N GLU C 132 -21.00 24.84 4.44
CA GLU C 132 -21.22 24.30 5.78
C GLU C 132 -22.67 23.85 5.89
N GLU C 133 -23.53 24.47 5.10
CA GLU C 133 -24.93 24.08 5.03
C GLU C 133 -25.02 22.63 4.58
N LEU C 134 -24.09 22.23 3.71
CA LEU C 134 -24.00 20.86 3.27
C LEU C 134 -23.58 19.97 4.43
N ARG C 135 -22.68 20.49 5.27
CA ARG C 135 -22.19 19.75 6.42
C ARG C 135 -23.31 19.52 7.44
N ARG C 136 -24.16 20.53 7.61
CA ARG C 136 -25.26 20.43 8.55
C ARG C 136 -26.31 19.43 8.09
N ASN C 137 -26.49 19.32 6.78
CA ASN C 137 -27.40 18.35 6.21
C ASN C 137 -26.73 16.98 6.11
N LEU C 138 -25.42 16.96 6.30
CA LEU C 138 -24.65 15.73 6.23
C LEU C 138 -24.53 15.09 7.61
N VAL C 139 -24.29 15.91 8.63
CA VAL C 139 -24.17 15.42 9.99
C VAL C 139 -25.43 14.68 10.43
N GLU C 140 -26.59 15.27 10.16
CA GLU C 140 -27.87 14.63 10.47
C GLU C 140 -28.05 13.37 9.63
N ALA C 141 -27.59 13.43 8.39
CA ALA C 141 -27.68 12.29 7.48
C ALA C 141 -26.96 11.07 8.05
N ILE C 142 -25.91 11.32 8.82
CA ILE C 142 -25.15 10.24 9.44
C ILE C 142 -25.90 9.66 10.63
N LYS C 143 -26.65 10.51 11.33
CA LYS C 143 -27.41 10.09 12.50
C LYS C 143 -28.51 9.11 12.12
N ASN C 144 -28.79 9.01 10.82
CA ASN C 144 -29.83 8.11 10.33
C ASN C 144 -29.25 6.80 9.78
N LEU C 145 -28.11 6.39 10.32
CA LEU C 145 -27.48 5.14 9.93
C LEU C 145 -27.41 4.19 11.12
N ALA C 146 -27.54 2.90 10.85
CA ALA C 146 -27.39 1.89 11.90
C ALA C 146 -26.00 2.04 12.52
N GLU C 147 -25.91 1.77 13.82
CA GLU C 147 -24.64 1.92 14.52
C GLU C 147 -23.54 1.09 13.87
N ARG C 148 -23.90 -0.06 13.31
CA ARG C 148 -22.96 -0.89 12.58
C ARG C 148 -22.47 -0.17 11.33
N GLU C 149 -23.40 0.47 10.64
CA GLU C 149 -23.08 1.19 9.40
C GLU C 149 -22.09 2.33 9.66
N ARG C 150 -22.32 3.07 10.73
CA ARG C 150 -21.44 4.19 11.08
C ARG C 150 -20.20 3.69 11.81
N LEU C 151 -20.15 2.38 12.07
CA LEU C 151 -18.99 1.77 12.70
C LEU C 151 -17.94 1.44 11.67
N VAL C 152 -18.37 0.98 10.51
CA VAL C 152 -17.46 0.65 9.42
C VAL C 152 -17.06 1.90 8.65
N THR C 153 -17.94 2.89 8.64
CA THR C 153 -17.64 4.18 8.02
C THR C 153 -16.52 4.88 8.79
N THR C 154 -16.52 4.69 10.11
CA THR C 154 -15.48 5.24 10.96
C THR C 154 -14.17 4.49 10.75
N PHE C 155 -14.26 3.16 10.71
CA PHE C 155 -13.09 2.32 10.48
C PHE C 155 -12.44 2.60 9.13
N TYR C 156 -13.26 2.67 8.09
CA TYR C 156 -12.76 2.81 6.73
C TYR C 156 -12.15 4.18 6.46
N PHE C 157 -12.91 5.24 6.73
CA PHE C 157 -12.47 6.59 6.40
C PHE C 157 -11.56 7.22 7.46
N TYR C 158 -12.02 7.25 8.70
CA TYR C 158 -11.26 7.89 9.77
C TYR C 158 -10.07 7.04 10.22
N GLU C 159 -10.33 5.76 10.47
CA GLU C 159 -9.27 4.84 10.93
C GLU C 159 -8.42 4.35 9.77
N GLY C 160 -8.95 4.43 8.56
CA GLY C 160 -8.23 4.00 7.38
C GLY C 160 -7.92 2.52 7.37
N LEU C 161 -8.92 1.71 7.71
CA LEU C 161 -8.76 0.26 7.75
C LEU C 161 -9.16 -0.39 6.44
N THR C 162 -8.66 -1.59 6.20
CA THR C 162 -9.03 -2.36 5.03
C THR C 162 -10.24 -3.24 5.37
N LEU C 163 -10.99 -3.65 4.34
CA LEU C 163 -12.17 -4.47 4.54
C LEU C 163 -11.84 -5.73 5.32
N ARG C 164 -10.63 -6.25 5.12
CA ARG C 164 -10.16 -7.44 5.82
C ARG C 164 -10.03 -7.16 7.32
N GLU C 165 -9.34 -6.07 7.66
CA GLU C 165 -9.10 -5.72 9.06
C GLU C 165 -10.41 -5.40 9.79
N ILE C 166 -11.36 -4.84 9.06
CA ILE C 166 -12.67 -4.52 9.64
C ILE C 166 -13.47 -5.80 9.91
N GLY C 167 -13.50 -6.68 8.91
CA GLY C 167 -14.21 -7.93 9.03
C GLY C 167 -13.67 -8.81 10.14
N LYS C 168 -12.38 -8.67 10.42
CA LYS C 168 -11.74 -9.41 11.50
C LYS C 168 -12.15 -8.86 12.86
N ALA C 169 -12.30 -7.54 12.94
CA ALA C 169 -12.66 -6.88 14.19
C ALA C 169 -14.13 -7.11 14.54
N LEU C 170 -14.97 -7.22 13.53
CA LEU C 170 -16.41 -7.41 13.74
C LEU C 170 -16.82 -8.87 13.61
N GLY C 171 -15.88 -9.71 13.17
CA GLY C 171 -16.14 -11.14 13.05
C GLY C 171 -17.08 -11.48 11.90
N LEU C 172 -17.16 -10.58 10.93
CA LEU C 172 -18.01 -10.81 9.76
C LEU C 172 -17.17 -10.90 8.48
N THR C 173 -17.75 -11.51 7.45
CA THR C 173 -17.03 -11.73 6.19
C THR C 173 -16.65 -10.41 5.52
N GLU C 174 -15.55 -10.43 4.77
CA GLU C 174 -15.07 -9.24 4.08
C GLU C 174 -16.02 -8.84 2.97
N GLY C 175 -16.60 -9.83 2.30
CA GLY C 175 -17.57 -9.57 1.24
C GLY C 175 -18.82 -8.88 1.77
N ARG C 176 -19.08 -9.06 3.05
CA ARG C 176 -20.22 -8.42 3.71
C ARG C 176 -19.88 -7.00 4.16
N ILE C 177 -18.66 -6.84 4.69
CA ILE C 177 -18.19 -5.52 5.10
C ILE C 177 -18.33 -4.54 3.94
N SER C 178 -18.15 -5.05 2.72
CA SER C 178 -18.33 -4.27 1.51
C SER C 178 -19.80 -3.89 1.34
N GLN C 179 -20.67 -4.89 1.38
CA GLN C 179 -22.10 -4.69 1.22
C GLN C 179 -22.63 -3.63 2.19
N ILE C 180 -22.19 -3.71 3.44
CA ILE C 180 -22.62 -2.78 4.48
C ILE C 180 -22.05 -1.38 4.22
N LEU C 181 -20.83 -1.33 3.69
CA LEU C 181 -20.17 -0.07 3.41
C LEU C 181 -20.78 0.62 2.20
N ARG C 182 -21.06 -0.15 1.15
CA ARG C 182 -21.71 0.39 -0.04
C ARG C 182 -23.09 0.93 0.32
N GLN C 183 -23.74 0.25 1.26
CA GLN C 183 -25.10 0.62 1.68
C GLN C 183 -25.10 1.91 2.47
N SER C 184 -24.11 2.09 3.33
CA SER C 184 -23.99 3.30 4.13
C SER C 184 -23.87 4.53 3.24
N LEU C 185 -22.96 4.46 2.27
CA LEU C 185 -22.75 5.56 1.33
C LEU C 185 -24.01 5.78 0.49
N GLY C 186 -24.69 4.69 0.14
CA GLY C 186 -25.92 4.77 -0.63
C GLY C 186 -26.99 5.51 0.13
N LYS C 187 -27.00 5.36 1.45
CA LYS C 187 -27.97 6.04 2.30
C LYS C 187 -27.54 7.49 2.55
N LEU C 188 -26.25 7.76 2.40
CA LEU C 188 -25.73 9.10 2.59
C LEU C 188 -25.99 9.97 1.36
N ARG C 189 -25.76 9.40 0.17
CA ARG C 189 -25.99 10.12 -1.08
C ARG C 189 -27.48 10.27 -1.36
N ASP C 190 -28.28 9.36 -0.80
CA ASP C 190 -29.72 9.40 -0.99
C ASP C 190 -30.34 10.48 -0.12
N SER C 191 -29.71 10.75 1.02
CA SER C 191 -30.19 11.78 1.94
C SER C 191 -29.85 13.18 1.44
N LEU C 192 -28.73 13.29 0.73
CA LEU C 192 -28.28 14.57 0.20
C LEU C 192 -28.94 14.90 -1.14
N SER C 193 -29.33 13.87 -1.87
CA SER C 193 -29.96 14.06 -3.18
C SER C 193 -31.32 14.73 -3.04
N GLU C 194 -31.85 14.76 -1.82
CA GLU C 194 -33.15 15.36 -1.56
C GLU C 194 -33.10 16.87 -1.70
N PRO C 195 -34.23 17.47 -2.13
CA PRO C 195 -34.32 18.93 -2.26
C PRO C 195 -34.41 19.60 -0.89
N ARG C 196 -33.59 20.62 -0.67
CA ARG C 196 -33.58 21.32 0.60
C ARG C 196 -33.43 22.83 0.41
P1 C2E D . -6.46 -7.95 2.20
O2P C2E D . -7.71 -7.26 1.83
O1P C2E D . -6.37 -9.28 2.84
O5' C2E D . -5.67 -6.90 3.09
C5' C2E D . -5.25 -7.26 4.10
C4' C2E D . -4.40 -6.15 4.74
O4' C2E D . -4.81 -6.06 6.11
C3' C2E D . -2.92 -6.61 4.68
O3' C2E D . -2.08 -5.78 3.90
C2' C2E D . -2.49 -6.65 6.14
O2' C2E D . -1.81 -5.51 6.49
C1' C2E D . -3.80 -6.61 6.97
N9 C2E D . -4.30 -7.98 7.45
C8 C2E D . -4.41 -9.23 6.79
N7 C2E D . -4.91 -10.19 7.59
C5 C2E D . -5.13 -9.55 8.80
C6 C2E D . -5.64 -10.07 9.99
O6 C2E D . -6.02 -11.18 10.32
N1 C2E D . -5.70 -9.08 11.00
C2 C2E D . -5.30 -7.79 10.79
N2 C2E D . -5.42 -6.93 11.87
N3 C2E D . -4.81 -7.28 9.66
C4 C2E D . -4.75 -8.19 8.70
P11 C2E D . -0.84 -6.40 3.02
O21 C2E D . -0.17 -5.35 2.19
O11 C2E D . -0.13 -7.37 3.90
O5A C2E D . -1.80 -7.32 2.01
C5A C2E D . -2.24 -6.79 0.82
C4A C2E D . -3.17 -7.77 0.05
O4A C2E D . -2.38 -8.81 -0.52
C3A C2E D . -4.21 -8.48 0.92
O3A C2E D . -5.39 -7.74 1.01
C2A C2E D . -4.49 -9.73 0.10
O2A C2E D . -5.31 -9.34 -0.95
C1A C2E D . -3.12 -10.01 -0.45
N91 C2E D . -2.33 -10.92 0.43
C81 C2E D . -1.34 -10.59 1.43
N71 C2E D . -0.85 -11.68 2.04
C51 C2E D . -1.51 -12.74 1.44
C61 C2E D . -1.38 -14.15 1.71
O61 C2E D . -0.66 -14.76 2.51
N11 C2E D . -2.22 -14.90 0.90
C21 C2E D . -3.09 -14.29 -0.05
N21 C2E D . -3.84 -15.11 -0.76
N31 C2E D . -3.25 -12.97 -0.33
C41 C2E D . -2.44 -12.24 0.44
P1 C2E E . -1.46 -19.01 1.21
O2P C2E E . -1.70 -20.33 0.58
O1P C2E E . -1.43 -17.71 0.51
O5' C2E E . -0.10 -19.20 2.02
C5' C2E E . 0.76 -18.48 1.75
C4' C2E E . 2.00 -18.78 2.62
O4' C2E E . 3.13 -18.61 1.75
C3' C2E E . 2.05 -17.70 3.73
O3' C2E E . 1.90 -18.20 5.05
C2' C2E E . 3.41 -17.05 3.52
O2' C2E E . 4.39 -17.67 4.25
C1' C2E E . 3.75 -17.35 2.05
N9 C2E E . 3.19 -16.32 1.05
C8 C2E E . 1.99 -15.56 1.05
N7 C2E E . 1.88 -14.77 -0.03
C5 C2E E . 3.04 -15.01 -0.75
C6 C2E E . 3.45 -14.46 -1.97
O6 C2E E . 2.94 -13.64 -2.71
N1 C2E E . 4.71 -14.98 -2.37
C2 C2E E . 5.38 -15.90 -1.63
N2 C2E E . 6.60 -16.31 -2.15
N3 C2E E . 5.01 -16.44 -0.48
C4 C2E E . 3.84 -15.97 -0.08
P11 C2E E . 1.21 -17.27 6.21
O21 C2E E . 1.12 -17.97 7.53
O11 C2E E . 1.72 -15.88 6.01
O5A C2E E . -0.32 -17.28 5.53
C5A C2E E . -1.10 -18.42 5.63
C4A C2E E . -2.46 -18.26 4.89
O4A C2E E . -3.20 -17.21 5.53
C3A C2E E . -2.32 -17.86 3.42
O3A C2E E . -2.28 -18.98 2.60
C2A C2E E . -3.64 -17.13 3.18
O2A C2E E . -4.58 -18.09 2.90
C1A C2E E . -3.95 -16.56 4.53
N91 C2E E . -3.57 -15.11 4.63
C81 C2E E . -2.48 -14.50 5.35
N71 C2E E . -2.46 -13.16 5.22
C51 C2E E . -3.54 -12.90 4.40
C61 C2E E . -3.99 -11.61 3.91
O61 C2E E . -3.55 -10.46 4.10
N11 C2E E . -5.10 -11.73 3.12
C21 C2E E . -5.70 -13.01 2.84
N21 C2E E . -6.76 -13.00 2.06
N31 C2E E . -5.30 -14.23 3.27
C41 C2E E . -4.22 -14.11 4.04
#